data_3IDJ
#
_entry.id   3IDJ
#
_cell.length_a   58.400
_cell.length_b   64.900
_cell.length_c   175.600
_cell.angle_alpha   90.00
_cell.angle_beta   90.00
_cell.angle_gamma   90.00
#
_symmetry.space_group_name_H-M   'P 21 21 21'
#
loop_
_entity.id
_entity.type
_entity.pdbx_description
1 polymer '2F5 Fab light chain'
2 polymer '2F5 Fab heavy chain'
3 polymer 'gp41 MPER peptide analog'
4 water water
#
loop_
_entity_poly.entity_id
_entity_poly.type
_entity_poly.pdbx_seq_one_letter_code
_entity_poly.pdbx_strand_id
1 'polypeptide(L)'
;ALQLTQSPSSLSASVGDRITITCRASQGVTSALAWYRQKPGSPPQLLIYDASSLESGVPSRFSGSGSGTEFTLTISTLRP
EDFATYYCQQLHFYPHTFGGGTRVDVRRTVAAPSVFIFPPSDEQLKSGTASVVCLLNNFYPREAKVQWKVDNALQSGNSQ
ESVTEQDSKDSTYSLSSTLTLSKADYEKHKVYECEVTHQGLSSPVTKSFNRGEC
;
A
2 'polypeptide(L)'
;RITLKESGPPLVKPTQTLTLTCSFSGFSLSDFGVGVGWIRQPPGKALEWLAIIYSDDDKRYSPSLNTRLTITKDTSKNQV
VLVMTRVSPVDTATYFCAHRRGPTTLFGVPIARGPVNAMDVWGQGITVTISSTSTKGPSVFPLAPSSKSTSGGTAALGCL
VKDYFPEPVTVSWNSGALTSGVHTFPAVLQSSGLYSLSSVVTVPSSSLGTQTYTCNVNHKPSNTKVDKRVEPKSCDK
;
B
3 'polypeptide(L)' ELD(ORN)WAS C
#
# COMPACT_ATOMS: atom_id res chain seq x y z
N ALA A 1 -12.95 19.44 2.95
CA ALA A 1 -14.07 18.83 3.72
C ALA A 1 -13.54 18.50 5.11
N LEU A 2 -14.35 17.80 5.88
CA LEU A 2 -13.99 17.39 7.23
C LEU A 2 -12.69 16.56 7.19
N GLN A 3 -11.84 16.74 8.18
CA GLN A 3 -10.59 15.99 8.22
C GLN A 3 -10.42 15.15 9.48
N LEU A 4 -9.88 13.95 9.32
CA LEU A 4 -9.59 13.02 10.43
C LEU A 4 -8.08 12.79 10.46
N THR A 5 -7.45 13.22 11.53
CA THR A 5 -6.01 13.06 11.62
C THR A 5 -5.68 12.00 12.65
N GLN A 6 -4.99 10.95 12.25
CA GLN A 6 -4.62 9.90 13.20
C GLN A 6 -3.26 10.18 13.78
N SER A 7 -3.06 9.84 15.04
CA SER A 7 -1.75 10.04 15.64
C SER A 7 -1.47 8.83 16.53
N PRO A 8 -0.24 8.26 16.44
CA PRO A 8 0.84 8.67 15.53
C PRO A 8 0.65 7.91 14.24
N SER A 9 1.22 8.39 13.15
CA SER A 9 1.09 7.69 11.88
C SER A 9 1.80 6.33 11.97
N SER A 10 2.89 6.27 12.73
CA SER A 10 3.66 5.02 12.88
C SER A 10 3.93 4.83 14.36
N LEU A 11 3.93 3.58 14.83
CA LEU A 11 4.13 3.32 16.25
C LEU A 11 4.86 2.00 16.45
N SER A 12 5.95 2.00 17.24
CA SER A 12 6.74 0.79 17.52
C SER A 12 6.21 0.12 18.78
N ALA A 13 6.07 -1.20 18.78
CA ALA A 13 5.55 -1.86 19.97
C ALA A 13 5.99 -3.31 20.08
N SER A 14 5.86 -3.88 21.26
CA SER A 14 6.27 -5.25 21.48
C SER A 14 5.09 -5.99 22.04
N VAL A 15 5.09 -7.32 21.89
CA VAL A 15 4.03 -8.15 22.41
C VAL A 15 3.88 -7.87 23.92
N GLY A 16 2.64 -7.64 24.35
CA GLY A 16 2.37 -7.36 25.75
C GLY A 16 2.17 -5.90 26.08
N ASP A 17 2.63 -4.99 25.23
CA ASP A 17 2.48 -3.58 25.54
C ASP A 17 1.03 -3.13 25.45
N ARG A 18 0.76 -1.98 26.06
CA ARG A 18 -0.55 -1.38 26.02
C ARG A 18 -0.33 -0.21 25.08
N ILE A 19 -1.12 -0.11 24.01
CA ILE A 19 -0.95 1.01 23.10
C ILE A 19 -2.25 1.76 22.91
N THR A 20 -2.14 3.03 22.54
CA THR A 20 -3.33 3.81 22.29
C THR A 20 -3.02 4.59 21.03
N ILE A 21 -4.05 4.78 20.20
CA ILE A 21 -3.93 5.51 18.94
C ILE A 21 -5.01 6.59 18.95
N THR A 22 -4.72 7.77 18.41
CA THR A 22 -5.71 8.83 18.47
C THR A 22 -6.24 9.26 17.10
N CYS A 23 -7.48 9.74 17.07
CA CYS A 23 -8.04 10.20 15.83
C CYS A 23 -8.75 11.48 16.19
N ARG A 24 -8.43 12.55 15.48
CA ARG A 24 -9.03 13.85 15.74
C ARG A 24 -9.77 14.36 14.50
N ALA A 25 -11.01 14.80 14.67
CA ALA A 25 -11.83 15.29 13.56
C ALA A 25 -11.80 16.81 13.58
N SER A 26 -11.73 17.44 12.42
CA SER A 26 -11.69 18.92 12.31
C SER A 26 -12.98 19.56 12.75
N GLN A 27 -14.05 18.76 12.83
CA GLN A 27 -15.36 19.22 13.26
C GLN A 27 -15.99 18.07 14.06
N GLY A 28 -16.81 18.42 15.03
CA GLY A 28 -17.43 17.40 15.85
C GLY A 28 -18.26 16.41 15.05
N VAL A 29 -18.07 15.11 15.29
CA VAL A 29 -18.81 14.04 14.63
C VAL A 29 -19.67 13.23 15.64
N THR A 30 -19.93 13.82 16.81
CA THR A 30 -20.66 13.17 17.93
C THR A 30 -19.93 11.87 18.27
N SER A 31 -20.61 10.74 18.25
CA SER A 31 -19.98 9.47 18.54
C SER A 31 -19.91 8.56 17.31
N ALA A 32 -20.26 9.08 16.14
CA ALA A 32 -20.28 8.26 14.92
C ALA A 32 -18.86 8.06 14.36
N LEU A 33 -18.12 7.17 15.01
CA LEU A 33 -16.74 6.89 14.66
C LEU A 33 -16.44 5.43 14.89
N ALA A 34 -15.72 4.82 13.95
CA ALA A 34 -15.44 3.42 14.06
C ALA A 34 -13.95 3.17 13.88
N TRP A 35 -13.45 2.08 14.45
CA TRP A 35 -12.03 1.72 14.33
C TRP A 35 -11.90 0.38 13.66
N TYR A 36 -10.88 0.23 12.83
CA TYR A 36 -10.65 -1.02 12.13
C TYR A 36 -9.18 -1.40 12.22
N ARG A 37 -8.93 -2.69 12.09
CA ARG A 37 -7.57 -3.20 12.06
C ARG A 37 -7.45 -3.83 10.68
N GLN A 38 -6.33 -3.63 10.01
CA GLN A 38 -6.19 -4.25 8.70
C GLN A 38 -4.85 -4.94 8.63
N LYS A 39 -4.89 -6.23 8.34
CA LYS A 39 -3.68 -6.99 8.18
C LYS A 39 -3.33 -6.98 6.69
N PRO A 40 -2.03 -6.97 6.36
CA PRO A 40 -1.65 -6.96 4.94
C PRO A 40 -2.31 -8.09 4.16
N GLY A 41 -2.86 -7.77 3.00
CA GLY A 41 -3.50 -8.78 2.18
C GLY A 41 -4.92 -9.10 2.60
N SER A 42 -5.48 -8.33 3.53
CA SER A 42 -6.85 -8.60 3.97
C SER A 42 -7.63 -7.29 4.05
N PRO A 43 -8.98 -7.36 4.08
CA PRO A 43 -9.78 -6.14 4.17
C PRO A 43 -9.80 -5.66 5.63
N PRO A 44 -10.17 -4.40 5.86
CA PRO A 44 -10.21 -3.92 7.24
C PRO A 44 -11.23 -4.76 8.01
N GLN A 45 -11.01 -4.92 9.31
CA GLN A 45 -11.94 -5.64 10.15
C GLN A 45 -12.41 -4.65 11.21
N LEU A 46 -13.72 -4.57 11.40
CA LEU A 46 -14.37 -3.69 12.38
C LEU A 46 -13.97 -4.11 13.80
N LEU A 47 -13.47 -3.17 14.60
CA LEU A 47 -13.11 -3.46 15.98
C LEU A 47 -14.09 -2.80 16.94
N ILE A 48 -14.31 -1.50 16.74
CA ILE A 48 -15.16 -0.65 17.61
C ILE A 48 -16.10 0.17 16.71
N TYR A 49 -17.38 0.24 17.08
CA TYR A 49 -18.32 1.04 16.31
C TYR A 49 -18.93 2.03 17.27
N ASP A 50 -19.45 3.14 16.74
CA ASP A 50 -20.10 4.15 17.59
C ASP A 50 -19.18 4.56 18.74
N ALA A 51 -17.93 4.81 18.41
CA ALA A 51 -16.88 5.30 19.33
C ALA A 51 -16.38 4.38 20.43
N SER A 52 -17.29 3.66 21.07
CA SER A 52 -16.83 2.81 22.14
C SER A 52 -17.43 1.43 22.21
N SER A 53 -18.42 1.12 21.36
CA SER A 53 -19.05 -0.21 21.44
C SER A 53 -18.12 -1.27 20.90
N LEU A 54 -18.04 -2.41 21.59
CA LEU A 54 -17.11 -3.45 21.18
C LEU A 54 -17.83 -4.31 20.19
N GLU A 55 -17.28 -4.43 18.98
CA GLU A 55 -17.93 -5.24 17.96
C GLU A 55 -17.95 -6.71 18.36
N SER A 56 -19.07 -7.39 18.09
CA SER A 56 -19.20 -8.80 18.42
C SER A 56 -18.09 -9.71 17.86
N GLY A 57 -17.49 -10.55 18.70
CA GLY A 57 -16.46 -11.45 18.21
C GLY A 57 -15.09 -10.82 18.20
N VAL A 58 -15.00 -9.57 18.64
CA VAL A 58 -13.73 -8.87 18.73
C VAL A 58 -13.15 -9.08 20.13
N PRO A 59 -11.85 -9.41 20.22
CA PRO A 59 -11.25 -9.64 21.56
C PRO A 59 -11.29 -8.43 22.49
N SER A 60 -11.57 -8.74 23.77
CA SER A 60 -11.68 -7.76 24.86
C SER A 60 -10.49 -6.85 25.12
N ARG A 61 -9.32 -7.20 24.61
CA ARG A 61 -8.20 -6.30 24.80
C ARG A 61 -8.39 -4.95 24.10
N PHE A 62 -9.32 -4.88 23.14
CA PHE A 62 -9.61 -3.63 22.38
C PHE A 62 -10.71 -2.81 23.01
N SER A 63 -10.53 -1.49 23.02
CA SER A 63 -11.58 -0.62 23.51
C SER A 63 -11.41 0.73 22.87
N GLY A 64 -12.44 1.56 22.89
CA GLY A 64 -12.26 2.86 22.31
C GLY A 64 -13.06 3.82 23.14
N SER A 65 -12.65 5.09 23.17
CA SER A 65 -13.37 6.13 23.89
C SER A 65 -13.29 7.46 23.15
N GLY A 66 -13.98 8.46 23.70
CA GLY A 66 -14.01 9.80 23.15
C GLY A 66 -15.32 10.14 22.46
N SER A 67 -15.49 11.43 22.15
CA SER A 67 -16.66 11.93 21.43
C SER A 67 -16.32 13.33 20.90
N GLY A 68 -17.13 13.86 19.98
CA GLY A 68 -16.87 15.18 19.43
C GLY A 68 -15.69 15.26 18.48
N THR A 69 -14.52 15.62 18.98
CA THR A 69 -13.36 15.77 18.11
C THR A 69 -12.17 14.91 18.45
N GLU A 70 -12.17 14.28 19.62
CA GLU A 70 -11.04 13.45 20.06
C GLU A 70 -11.42 12.00 20.31
N PHE A 71 -10.70 11.08 19.68
CA PHE A 71 -11.01 9.68 19.90
C PHE A 71 -9.74 8.88 20.02
N THR A 72 -9.81 7.84 20.85
CA THR A 72 -8.68 6.98 21.05
C THR A 72 -9.08 5.52 21.08
N LEU A 73 -8.26 4.70 20.45
CA LEU A 73 -8.44 3.25 20.44
C LEU A 73 -7.31 2.69 21.32
N THR A 74 -7.60 1.80 22.25
CA THR A 74 -6.46 1.27 22.99
C THR A 74 -6.51 -0.23 22.98
N ILE A 75 -5.33 -0.85 22.95
CA ILE A 75 -5.21 -2.31 22.96
C ILE A 75 -4.49 -2.54 24.28
N SER A 76 -5.20 -3.11 25.24
CA SER A 76 -4.65 -3.29 26.59
C SER A 76 -3.36 -4.12 26.59
N THR A 77 -3.41 -5.31 26.01
CA THR A 77 -2.27 -6.17 25.94
C THR A 77 -2.10 -6.62 24.50
N LEU A 78 -1.16 -6.00 23.80
CA LEU A 78 -0.91 -6.35 22.40
C LEU A 78 -0.47 -7.79 22.14
N ARG A 79 -1.08 -8.42 21.13
CA ARG A 79 -0.72 -9.78 20.73
C ARG A 79 -0.09 -9.71 19.33
N PRO A 80 0.59 -10.80 18.88
CA PRO A 80 1.21 -10.80 17.55
C PRO A 80 0.34 -10.40 16.36
N GLU A 81 -0.95 -10.71 16.44
CA GLU A 81 -1.84 -10.36 15.34
C GLU A 81 -2.23 -8.88 15.31
N ASP A 82 -1.81 -8.11 16.31
CA ASP A 82 -2.18 -6.70 16.33
C ASP A 82 -1.18 -5.84 15.56
N PHE A 83 -0.10 -6.49 15.11
CA PHE A 83 0.90 -5.77 14.34
C PHE A 83 0.21 -5.58 12.99
N ALA A 84 -0.16 -4.35 12.68
CA ALA A 84 -0.92 -4.14 11.48
C ALA A 84 -1.17 -2.67 11.36
N THR A 85 -2.13 -2.30 10.50
CA THR A 85 -2.45 -0.88 10.30
C THR A 85 -3.87 -0.61 10.77
N TYR A 86 -4.04 0.47 11.52
CA TYR A 86 -5.33 0.81 12.06
C TYR A 86 -5.94 2.06 11.43
N TYR A 87 -7.26 2.05 11.23
CA TYR A 87 -7.93 3.22 10.67
C TYR A 87 -9.14 3.65 11.46
N CYS A 88 -9.42 4.94 11.49
CA CYS A 88 -10.66 5.41 12.10
C CYS A 88 -11.50 5.91 10.95
N GLN A 89 -12.82 5.88 11.14
CA GLN A 89 -13.79 6.33 10.15
C GLN A 89 -14.92 7.09 10.85
N GLN A 90 -15.24 8.23 10.29
CA GLN A 90 -16.28 9.10 10.80
C GLN A 90 -17.54 8.87 9.92
N LEU A 91 -18.72 8.74 10.54
CA LEU A 91 -19.93 8.54 9.75
C LEU A 91 -21.05 9.51 10.12
N HIS A 92 -20.68 10.70 10.61
CA HIS A 92 -21.61 11.73 11.01
C HIS A 92 -21.99 12.66 9.88
N PHE A 93 -21.02 12.90 8.99
CA PHE A 93 -21.19 13.79 7.83
C PHE A 93 -20.83 13.04 6.55
N TYR A 94 -21.46 13.42 5.43
CA TYR A 94 -21.12 12.84 4.13
C TYR A 94 -20.13 13.86 3.54
N PRO A 95 -19.09 13.37 2.89
CA PRO A 95 -18.84 11.94 2.72
C PRO A 95 -18.24 11.35 4.01
N HIS A 96 -18.41 10.06 4.22
CA HIS A 96 -17.83 9.43 5.37
C HIS A 96 -16.34 9.58 5.14
N THR A 97 -15.52 9.51 6.17
CA THR A 97 -14.09 9.74 5.97
C THR A 97 -13.25 8.83 6.81
N PHE A 98 -12.11 8.44 6.25
CA PHE A 98 -11.16 7.62 6.94
C PHE A 98 -9.95 8.45 7.29
N GLY A 99 -9.22 8.00 8.31
CA GLY A 99 -8.00 8.66 8.71
C GLY A 99 -6.88 8.05 7.87
N GLY A 100 -5.70 8.66 7.95
CA GLY A 100 -4.55 8.24 7.19
C GLY A 100 -3.93 6.94 7.63
N GLY A 101 -4.48 6.37 8.69
CA GLY A 101 -3.98 5.09 9.17
C GLY A 101 -2.79 5.24 10.12
N THR A 102 -2.59 4.24 10.98
CA THR A 102 -1.42 4.24 11.83
C THR A 102 -0.87 2.83 11.85
N ARG A 103 0.38 2.73 11.41
CA ARG A 103 1.11 1.47 11.31
C ARG A 103 1.72 1.04 12.65
N VAL A 104 1.46 -0.19 13.06
CA VAL A 104 2.01 -0.66 14.32
C VAL A 104 2.89 -1.84 13.95
N ASP A 105 4.20 -1.69 14.19
CA ASP A 105 5.16 -2.74 13.85
C ASP A 105 5.97 -3.19 15.08
N VAL A 106 6.71 -4.30 14.93
CA VAL A 106 7.52 -4.85 15.99
C VAL A 106 8.70 -3.94 16.30
N ARG A 107 8.85 -3.54 17.55
CA ARG A 107 9.96 -2.66 17.93
C ARG A 107 11.28 -3.44 18.00
N ARG A 108 12.37 -2.76 17.76
CA ARG A 108 13.69 -3.38 17.84
C ARG A 108 14.63 -2.23 18.00
N THR A 109 15.91 -2.52 18.12
CA THR A 109 16.85 -1.43 18.30
C THR A 109 17.06 -0.63 17.03
N VAL A 110 17.24 0.68 17.17
CA VAL A 110 17.46 1.54 16.02
C VAL A 110 18.61 0.89 15.26
N ALA A 111 18.53 0.96 13.93
CA ALA A 111 19.56 0.41 13.06
C ALA A 111 19.64 1.24 11.78
N ALA A 112 20.80 1.85 11.56
CA ALA A 112 20.99 2.68 10.37
C ALA A 112 21.06 1.78 9.13
N PRO A 113 20.60 2.31 7.99
CA PRO A 113 20.64 1.51 6.76
C PRO A 113 22.03 1.40 6.16
N SER A 114 22.34 0.28 5.53
CA SER A 114 23.62 0.16 4.83
C SER A 114 23.22 0.66 3.45
N VAL A 115 23.92 1.65 2.93
CA VAL A 115 23.56 2.23 1.65
C VAL A 115 24.48 1.83 0.52
N PHE A 116 23.89 1.55 -0.65
CA PHE A 116 24.64 1.16 -1.84
C PHE A 116 24.07 1.86 -3.08
N ILE A 117 24.93 2.34 -3.98
CA ILE A 117 24.41 3.01 -5.19
C ILE A 117 24.86 2.23 -6.40
N PHE A 118 23.96 2.09 -7.39
CA PHE A 118 24.23 1.29 -8.57
C PHE A 118 24.04 2.11 -9.83
N PRO A 119 25.09 2.22 -10.67
CA PRO A 119 24.96 3.00 -11.91
C PRO A 119 24.19 2.19 -12.95
N PRO A 120 23.72 2.84 -14.02
CA PRO A 120 22.99 2.04 -15.00
C PRO A 120 23.93 1.12 -15.76
N SER A 121 23.44 -0.05 -16.12
CA SER A 121 24.23 -1.01 -16.86
C SER A 121 24.38 -0.51 -18.30
N ASP A 122 25.52 -0.85 -18.91
CA ASP A 122 25.75 -0.47 -20.29
C ASP A 122 24.75 -1.18 -21.15
N GLU A 123 24.18 -2.27 -20.66
CA GLU A 123 23.19 -3.01 -21.44
C GLU A 123 21.92 -2.16 -21.57
N GLN A 124 21.52 -1.53 -20.47
CA GLN A 124 20.33 -0.68 -20.46
C GLN A 124 20.60 0.60 -21.26
N LEU A 125 21.79 1.18 -21.08
CA LEU A 125 22.12 2.40 -21.79
C LEU A 125 21.99 2.26 -23.30
N LYS A 126 22.22 1.06 -23.83
CA LYS A 126 22.08 0.86 -25.26
C LYS A 126 20.63 0.93 -25.74
N SER A 127 19.69 0.78 -24.83
CA SER A 127 18.27 0.85 -25.21
C SER A 127 17.71 2.27 -25.09
N GLY A 128 18.55 3.20 -24.64
CA GLY A 128 18.12 4.59 -24.54
C GLY A 128 17.65 5.13 -23.19
N THR A 129 17.69 4.29 -22.16
CA THR A 129 17.27 4.72 -20.85
C THR A 129 18.30 4.40 -19.77
N ALA A 130 18.38 5.25 -18.76
CA ALA A 130 19.31 5.04 -17.67
C ALA A 130 18.59 5.03 -16.33
N SER A 131 18.72 3.91 -15.61
CA SER A 131 18.10 3.74 -14.30
C SER A 131 19.22 3.72 -13.28
N VAL A 132 19.15 4.61 -12.29
CA VAL A 132 20.16 4.63 -11.25
C VAL A 132 19.43 4.20 -9.99
N VAL A 133 19.89 3.14 -9.33
CA VAL A 133 19.22 2.72 -8.10
C VAL A 133 20.02 2.85 -6.83
N CYS A 134 19.28 3.18 -5.77
CA CYS A 134 19.86 3.33 -4.45
C CYS A 134 19.19 2.34 -3.54
N LEU A 135 19.99 1.62 -2.75
CA LEU A 135 19.48 0.62 -1.84
C LEU A 135 19.78 1.00 -0.40
N LEU A 136 18.76 0.89 0.46
CA LEU A 136 18.89 1.15 1.90
C LEU A 136 18.53 -0.20 2.49
N ASN A 137 19.55 -0.89 3.01
CA ASN A 137 19.35 -2.25 3.52
C ASN A 137 19.27 -2.42 5.03
N ASN A 138 18.29 -3.22 5.47
CA ASN A 138 18.07 -3.53 6.89
C ASN A 138 18.19 -2.36 7.87
N PHE A 139 17.22 -1.44 7.85
CA PHE A 139 17.22 -0.31 8.76
C PHE A 139 15.96 -0.31 9.61
N TYR A 140 15.93 0.55 10.62
CA TYR A 140 14.78 0.69 11.54
C TYR A 140 14.97 1.95 12.40
N PRO A 141 13.90 2.72 12.64
CA PRO A 141 12.52 2.47 12.20
C PRO A 141 12.31 2.63 10.69
N ARG A 142 11.08 2.45 10.24
CA ARG A 142 10.76 2.51 8.82
C ARG A 142 10.99 3.84 8.09
N GLU A 143 10.68 4.95 8.75
CA GLU A 143 10.83 6.21 8.10
C GLU A 143 12.28 6.52 7.68
N ALA A 144 12.45 6.80 6.40
CA ALA A 144 13.75 7.14 5.83
C ALA A 144 13.48 8.08 4.66
N LYS A 145 14.44 8.95 4.34
CA LYS A 145 14.25 9.87 3.23
C LYS A 145 15.42 9.81 2.29
N VAL A 146 15.12 9.59 1.01
CA VAL A 146 16.11 9.51 -0.03
C VAL A 146 16.08 10.77 -0.88
N GLN A 147 17.25 11.35 -1.11
CA GLN A 147 17.36 12.57 -1.93
C GLN A 147 18.39 12.37 -3.07
N TRP A 148 17.94 12.40 -4.31
CA TRP A 148 18.87 12.22 -5.42
C TRP A 148 19.47 13.54 -5.83
N LYS A 149 20.76 13.51 -6.15
CA LYS A 149 21.48 14.70 -6.60
C LYS A 149 22.34 14.32 -7.81
N VAL A 150 22.32 15.20 -8.81
CA VAL A 150 23.08 15.03 -10.04
C VAL A 150 23.87 16.33 -10.21
N ASP A 151 25.19 16.25 -10.24
CA ASP A 151 26.04 17.45 -10.36
C ASP A 151 25.48 18.51 -9.40
N ASN A 152 25.13 18.08 -8.20
CA ASN A 152 24.61 18.94 -7.15
C ASN A 152 23.21 19.51 -7.29
N ALA A 153 22.47 19.10 -8.31
CA ALA A 153 21.11 19.58 -8.52
C ALA A 153 20.18 18.60 -7.83
N LEU A 154 19.28 19.09 -6.98
CA LEU A 154 18.36 18.17 -6.31
C LEU A 154 17.36 17.67 -7.35
N GLN A 155 17.20 16.36 -7.41
CA GLN A 155 16.28 15.77 -8.38
C GLN A 155 14.86 15.73 -7.80
N SER A 156 13.88 15.91 -8.68
CA SER A 156 12.51 15.88 -8.20
C SER A 156 11.56 15.33 -9.25
N GLY A 157 10.76 14.35 -8.88
CA GLY A 157 9.78 13.82 -9.81
C GLY A 157 10.25 12.79 -10.81
N ASN A 158 11.48 12.32 -10.66
CA ASN A 158 12.00 11.34 -11.60
C ASN A 158 12.56 10.10 -10.88
N SER A 159 12.06 9.84 -9.67
CA SER A 159 12.47 8.68 -8.91
C SER A 159 11.21 8.00 -8.35
N GLN A 160 11.33 6.72 -8.04
CA GLN A 160 10.23 5.96 -7.48
C GLN A 160 10.87 5.04 -6.48
N GLU A 161 10.18 4.78 -5.37
CA GLU A 161 10.74 3.90 -4.35
C GLU A 161 9.71 2.91 -3.82
N SER A 162 10.22 1.81 -3.28
CA SER A 162 9.41 0.74 -2.71
C SER A 162 10.07 0.29 -1.42
N VAL A 163 9.27 -0.14 -0.45
CA VAL A 163 9.79 -0.61 0.83
C VAL A 163 9.27 -2.03 1.06
N THR A 164 10.14 -2.92 1.54
CA THR A 164 9.74 -4.29 1.84
C THR A 164 8.89 -4.29 3.13
N GLU A 165 8.17 -5.37 3.38
CA GLU A 165 7.41 -5.51 4.60
C GLU A 165 8.46 -5.80 5.69
N GLN A 166 8.11 -5.59 6.96
CA GLN A 166 9.07 -5.81 8.05
C GLN A 166 9.58 -7.23 8.01
N ASP A 167 10.90 -7.39 8.10
CA ASP A 167 11.48 -8.72 8.07
C ASP A 167 11.10 -9.48 9.33
N SER A 168 10.58 -10.69 9.19
CA SER A 168 10.18 -11.49 10.37
C SER A 168 11.35 -12.00 11.23
N LYS A 169 12.59 -11.90 10.75
CA LYS A 169 13.78 -12.34 11.50
C LYS A 169 14.40 -11.20 12.31
N ASP A 170 14.87 -10.18 11.61
CA ASP A 170 15.52 -9.06 12.26
C ASP A 170 14.65 -7.83 12.46
N SER A 171 13.38 -7.90 12.07
CA SER A 171 12.45 -6.77 12.22
C SER A 171 12.87 -5.47 11.51
N THR A 172 13.69 -5.55 10.48
CA THR A 172 14.14 -4.33 9.79
C THR A 172 13.41 -4.16 8.47
N TYR A 173 13.68 -3.04 7.80
CA TYR A 173 13.09 -2.74 6.51
C TYR A 173 14.23 -2.43 5.55
N SER A 174 13.93 -2.59 4.26
CA SER A 174 14.87 -2.29 3.18
C SER A 174 14.08 -1.43 2.16
N LEU A 175 14.78 -0.53 1.49
CA LEU A 175 14.14 0.39 0.55
C LEU A 175 14.97 0.54 -0.72
N SER A 176 14.27 0.56 -1.83
CA SER A 176 14.88 0.71 -3.11
C SER A 176 14.35 1.94 -3.79
N SER A 177 15.24 2.81 -4.25
CA SER A 177 14.80 3.99 -4.98
C SER A 177 15.49 4.01 -6.32
N THR A 178 14.71 4.19 -7.39
CA THR A 178 15.21 4.23 -8.76
C THR A 178 15.08 5.63 -9.38
N LEU A 179 16.20 6.23 -9.76
CA LEU A 179 16.19 7.53 -10.43
C LEU A 179 16.24 7.12 -11.91
N THR A 180 15.29 7.63 -12.70
CA THR A 180 15.22 7.28 -14.12
C THR A 180 15.45 8.48 -15.03
N LEU A 181 16.43 8.37 -15.92
CA LEU A 181 16.75 9.44 -16.86
C LEU A 181 16.91 8.86 -18.26
N SER A 182 16.75 9.69 -19.29
CA SER A 182 17.02 9.19 -20.63
C SER A 182 18.56 9.09 -20.77
N LYS A 183 19.03 8.35 -21.77
CA LYS A 183 20.47 8.21 -22.00
C LYS A 183 21.12 9.58 -22.24
N ALA A 184 20.51 10.40 -23.10
CA ALA A 184 21.05 11.73 -23.39
C ALA A 184 21.31 12.54 -22.13
N ASP A 185 20.29 12.71 -21.28
CA ASP A 185 20.44 13.45 -20.02
C ASP A 185 21.48 12.80 -19.11
N TYR A 186 21.47 11.47 -19.05
CA TYR A 186 22.42 10.78 -18.21
C TYR A 186 23.86 11.13 -18.56
N GLU A 187 24.13 11.12 -19.87
CA GLU A 187 25.46 11.41 -20.44
C GLU A 187 25.88 12.86 -20.31
N LYS A 188 24.92 13.75 -20.11
CA LYS A 188 25.25 15.15 -19.98
C LYS A 188 25.57 15.57 -18.54
N HIS A 189 25.77 14.60 -17.66
CA HIS A 189 26.05 14.91 -16.26
C HIS A 189 27.16 13.99 -15.77
N LYS A 190 27.80 14.34 -14.66
CA LYS A 190 28.90 13.53 -14.15
C LYS A 190 28.74 12.86 -12.79
N VAL A 191 28.34 13.62 -11.76
CA VAL A 191 28.20 13.08 -10.39
C VAL A 191 26.74 12.72 -9.99
N TYR A 192 26.47 11.42 -9.82
CA TYR A 192 25.18 10.90 -9.39
C TYR A 192 25.30 10.51 -7.92
N GLU A 193 24.49 11.14 -7.07
CA GLU A 193 24.55 10.93 -5.64
C GLU A 193 23.18 10.57 -5.06
N CYS A 194 23.21 9.68 -4.08
CA CYS A 194 22.04 9.21 -3.35
C CYS A 194 22.28 9.68 -1.90
N GLU A 195 21.54 10.67 -1.43
CA GLU A 195 21.70 11.14 -0.04
C GLU A 195 20.60 10.53 0.83
N VAL A 196 20.99 9.96 1.96
CA VAL A 196 20.06 9.27 2.84
C VAL A 196 20.02 9.85 4.25
N THR A 197 18.80 10.09 4.72
CA THR A 197 18.56 10.63 6.04
C THR A 197 17.81 9.57 6.80
N HIS A 198 18.25 9.29 8.02
CA HIS A 198 17.60 8.29 8.86
C HIS A 198 17.99 8.50 10.30
N GLN A 199 17.06 8.21 11.20
CA GLN A 199 17.25 8.37 12.62
C GLN A 199 18.50 7.66 13.09
N GLY A 200 18.86 6.56 12.44
CA GLY A 200 20.06 5.83 12.86
C GLY A 200 21.37 6.43 12.40
N LEU A 201 21.34 7.48 11.59
CA LEU A 201 22.56 8.11 11.09
C LEU A 201 22.63 9.49 11.76
N SER A 202 23.75 9.79 12.42
CA SER A 202 23.88 11.09 13.10
C SER A 202 23.78 12.23 12.10
N SER A 203 24.12 11.93 10.86
CA SER A 203 24.08 12.92 9.77
C SER A 203 23.85 12.15 8.47
N PRO A 204 23.36 12.83 7.42
CA PRO A 204 23.09 12.19 6.13
C PRO A 204 24.28 11.48 5.50
N VAL A 205 24.07 10.23 5.08
CA VAL A 205 25.12 9.47 4.44
C VAL A 205 24.88 9.64 2.93
N THR A 206 25.95 9.90 2.18
CA THR A 206 25.85 10.11 0.75
C THR A 206 26.70 9.08 -0.01
N LYS A 207 26.09 8.41 -0.98
CA LYS A 207 26.81 7.44 -1.81
C LYS A 207 26.70 7.95 -3.24
N SER A 208 27.81 7.93 -3.97
CA SER A 208 27.80 8.42 -5.34
C SER A 208 28.93 7.86 -6.18
N PHE A 209 28.94 8.24 -7.45
CA PHE A 209 29.96 7.79 -8.38
C PHE A 209 30.00 8.80 -9.51
N ASN A 210 31.08 8.79 -10.31
CA ASN A 210 31.20 9.69 -11.44
C ASN A 210 30.95 8.87 -12.70
N ARG A 211 29.96 9.24 -13.49
CA ARG A 211 29.64 8.54 -14.73
C ARG A 211 30.87 8.43 -15.64
N GLY A 212 30.96 7.31 -16.36
CA GLY A 212 32.06 7.11 -17.28
C GLY A 212 33.43 6.94 -16.65
N GLU A 213 33.54 7.21 -15.36
CA GLU A 213 34.83 7.07 -14.71
C GLU A 213 35.19 5.59 -14.63
N CYS A 214 36.29 5.21 -15.25
CA CYS A 214 36.67 3.80 -15.22
C CYS A 214 38.16 3.58 -15.01
N ARG B 1 -25.06 -14.99 8.97
CA ARG B 1 -23.67 -14.87 8.46
C ARG B 1 -23.66 -14.02 7.18
N ILE B 2 -23.15 -12.82 7.29
CA ILE B 2 -23.08 -11.94 6.16
C ILE B 2 -21.77 -12.07 5.41
N THR B 3 -21.85 -12.18 4.08
CA THR B 3 -20.64 -12.24 3.27
C THR B 3 -20.88 -11.38 2.02
N LEU B 4 -19.83 -10.69 1.57
CA LEU B 4 -19.91 -9.85 0.38
C LEU B 4 -18.72 -10.18 -0.46
N LYS B 5 -18.87 -10.05 -1.76
CA LYS B 5 -17.76 -10.33 -2.67
C LYS B 5 -17.82 -9.46 -3.90
N GLU B 6 -16.66 -8.86 -4.22
CA GLU B 6 -16.53 -7.98 -5.36
C GLU B 6 -16.12 -8.72 -6.61
N SER B 7 -16.67 -8.32 -7.77
CA SER B 7 -16.29 -8.92 -9.03
C SER B 7 -16.18 -7.80 -10.03
N GLY B 8 -15.32 -8.02 -11.01
CA GLY B 8 -15.09 -7.04 -12.06
C GLY B 8 -13.81 -7.38 -12.82
N PRO B 9 -13.42 -6.54 -13.77
CA PRO B 9 -12.22 -6.79 -14.57
C PRO B 9 -10.95 -6.39 -13.82
N PRO B 10 -9.93 -7.25 -13.83
CA PRO B 10 -8.70 -6.86 -13.13
C PRO B 10 -7.91 -5.73 -13.81
N LEU B 11 -8.12 -5.59 -15.12
CA LEU B 11 -7.38 -4.61 -15.93
C LEU B 11 -8.31 -3.75 -16.73
N VAL B 12 -8.05 -2.45 -16.74
CA VAL B 12 -8.90 -1.55 -17.50
C VAL B 12 -8.00 -0.46 -18.02
N LYS B 13 -8.33 0.08 -19.18
CA LYS B 13 -7.50 1.12 -19.78
C LYS B 13 -8.05 2.53 -19.54
N PRO B 14 -7.17 3.53 -19.54
CA PRO B 14 -7.57 4.91 -19.34
C PRO B 14 -8.69 5.32 -20.28
N THR B 15 -9.57 6.19 -19.78
CA THR B 15 -10.76 6.76 -20.45
C THR B 15 -11.92 5.77 -20.44
N GLN B 16 -11.61 4.51 -20.17
CA GLN B 16 -12.68 3.52 -20.14
C GLN B 16 -13.57 3.53 -18.88
N THR B 17 -14.69 2.82 -18.97
CA THR B 17 -15.66 2.72 -17.89
C THR B 17 -15.46 1.42 -17.11
N LEU B 18 -15.37 1.56 -15.79
CA LEU B 18 -15.18 0.44 -14.88
C LEU B 18 -16.50 0.15 -14.16
N THR B 19 -16.93 -1.10 -14.25
CA THR B 19 -18.15 -1.57 -13.64
C THR B 19 -17.80 -2.66 -12.64
N LEU B 20 -18.06 -2.41 -11.35
CA LEU B 20 -17.76 -3.36 -10.28
C LEU B 20 -19.06 -3.81 -9.62
N THR B 21 -19.13 -5.12 -9.34
CA THR B 21 -20.30 -5.72 -8.73
C THR B 21 -20.01 -6.31 -7.36
N CYS B 22 -20.90 -6.01 -6.44
CA CYS B 22 -20.82 -6.51 -5.08
C CYS B 22 -21.97 -7.47 -4.93
N SER B 23 -21.66 -8.76 -4.81
CA SER B 23 -22.68 -9.79 -4.62
C SER B 23 -22.61 -10.14 -3.13
N PHE B 24 -23.76 -10.17 -2.49
CA PHE B 24 -23.80 -10.44 -1.05
C PHE B 24 -24.90 -11.43 -0.65
N SER B 25 -24.81 -11.91 0.60
CA SER B 25 -25.82 -12.82 1.14
C SER B 25 -25.82 -12.67 2.66
N GLY B 26 -26.88 -13.12 3.31
CA GLY B 26 -26.96 -13.01 4.76
C GLY B 26 -27.76 -11.77 5.14
N PHE B 27 -28.17 -10.99 4.15
CA PHE B 27 -28.96 -9.81 4.46
C PHE B 27 -29.68 -9.39 3.20
N SER B 28 -30.74 -8.60 3.38
CA SER B 28 -31.50 -8.13 2.22
C SER B 28 -31.29 -6.64 2.07
N LEU B 29 -31.17 -6.14 0.86
CA LEU B 29 -30.97 -4.71 0.76
C LEU B 29 -32.28 -3.97 1.03
N SER B 30 -33.39 -4.71 0.97
CA SER B 30 -34.70 -4.14 1.22
C SER B 30 -35.01 -4.12 2.74
N ASP B 31 -34.06 -4.59 3.55
CA ASP B 31 -34.25 -4.55 4.99
C ASP B 31 -34.15 -3.11 5.46
N PHE B 32 -34.84 -2.75 6.54
CA PHE B 32 -34.84 -1.37 7.02
C PHE B 32 -33.48 -0.73 7.36
N GLY B 33 -33.26 0.49 6.88
CA GLY B 33 -32.02 1.23 7.13
C GLY B 33 -30.68 0.64 6.73
N VAL B 34 -30.67 -0.57 6.17
CA VAL B 34 -29.43 -1.21 5.76
C VAL B 34 -28.82 -0.49 4.57
N GLY B 35 -27.49 -0.52 4.50
CA GLY B 35 -26.76 0.11 3.43
C GLY B 35 -25.55 -0.71 3.00
N VAL B 36 -25.08 -0.45 1.78
CA VAL B 36 -23.91 -1.11 1.21
C VAL B 36 -23.08 0.01 0.60
N GLY B 37 -21.80 0.10 0.99
CA GLY B 37 -20.93 1.15 0.48
C GLY B 37 -19.69 0.58 -0.20
N TRP B 38 -18.99 1.43 -0.96
CA TRP B 38 -17.77 1.04 -1.64
C TRP B 38 -16.60 1.88 -1.12
N ILE B 39 -15.45 1.22 -0.92
CA ILE B 39 -14.23 1.86 -0.41
C ILE B 39 -13.08 1.34 -1.27
N ARG B 40 -12.09 2.20 -1.57
CA ARG B 40 -10.97 1.77 -2.42
C ARG B 40 -9.68 1.99 -1.64
N GLN B 41 -8.61 1.33 -2.08
CA GLN B 41 -7.35 1.46 -1.42
C GLN B 41 -6.21 1.33 -2.44
N PRO B 42 -5.60 2.46 -2.88
CA PRO B 42 -4.50 2.42 -3.86
C PRO B 42 -3.33 1.75 -3.16
N PRO B 43 -2.51 1.00 -3.92
CA PRO B 43 -1.38 0.32 -3.27
C PRO B 43 -0.57 1.16 -2.29
N GLY B 44 -0.39 0.61 -1.09
CA GLY B 44 0.37 1.27 -0.05
C GLY B 44 -0.27 2.51 0.54
N LYS B 45 -1.43 2.93 0.02
CA LYS B 45 -2.08 4.14 0.53
C LYS B 45 -3.21 3.88 1.56
N ALA B 46 -3.85 4.95 2.02
CA ALA B 46 -4.95 4.92 2.98
C ALA B 46 -6.29 4.54 2.33
N LEU B 47 -7.29 4.20 3.15
CA LEU B 47 -8.62 3.86 2.63
C LEU B 47 -9.30 5.13 2.19
N GLU B 48 -10.07 5.06 1.12
CA GLU B 48 -10.77 6.24 0.63
C GLU B 48 -12.25 5.85 0.39
N TRP B 49 -13.16 6.61 0.97
CA TRP B 49 -14.58 6.32 0.85
C TRP B 49 -15.10 6.71 -0.54
N LEU B 50 -15.88 5.85 -1.17
CA LEU B 50 -16.40 6.18 -2.53
C LEU B 50 -17.89 6.54 -2.60
N ALA B 51 -18.74 5.68 -2.08
CA ALA B 51 -20.18 5.88 -2.11
C ALA B 51 -20.92 4.90 -1.23
N ILE B 52 -22.19 5.17 -1.00
CA ILE B 52 -23.03 4.25 -0.25
C ILE B 52 -24.45 4.30 -0.80
N ILE B 53 -25.16 3.17 -0.74
CA ILE B 53 -26.57 3.12 -1.18
C ILE B 53 -27.40 2.37 -0.13
N TYR B 54 -28.57 2.90 0.19
CA TYR B 54 -29.45 2.32 1.17
C TYR B 54 -30.67 1.61 0.60
N SER B 55 -31.34 0.89 1.48
CA SER B 55 -32.53 0.12 1.16
C SER B 55 -33.63 0.96 0.51
N ASP B 56 -33.79 2.22 0.97
CA ASP B 56 -34.83 3.10 0.43
C ASP B 56 -34.34 3.77 -0.88
N ASP B 57 -33.17 3.32 -1.36
CA ASP B 57 -32.55 3.78 -2.61
C ASP B 57 -31.91 5.18 -2.58
N ASP B 58 -31.71 5.71 -1.38
CA ASP B 58 -31.05 7.00 -1.21
C ASP B 58 -29.59 6.71 -1.61
N LYS B 59 -28.93 7.59 -2.37
CA LYS B 59 -27.52 7.35 -2.75
C LYS B 59 -26.70 8.56 -2.35
N ARG B 60 -25.43 8.34 -1.98
CA ARG B 60 -24.50 9.42 -1.61
C ARG B 60 -23.13 9.09 -2.20
N TYR B 61 -22.43 10.12 -2.67
CA TYR B 61 -21.16 9.91 -3.31
C TYR B 61 -20.08 10.81 -2.76
N SER B 62 -18.84 10.38 -2.95
CA SER B 62 -17.68 11.17 -2.60
C SER B 62 -17.77 12.44 -3.46
N PRO B 63 -17.64 13.64 -2.87
CA PRO B 63 -17.74 14.86 -3.68
C PRO B 63 -16.65 14.93 -4.76
N SER B 64 -15.48 14.43 -4.42
CA SER B 64 -14.33 14.39 -5.29
C SER B 64 -14.51 13.53 -6.57
N LEU B 65 -15.32 12.48 -6.47
CA LEU B 65 -15.51 11.57 -7.60
C LEU B 65 -16.92 11.59 -8.09
N ASN B 66 -17.77 12.38 -7.46
CA ASN B 66 -19.17 12.46 -7.84
C ASN B 66 -19.51 12.32 -9.33
N THR B 67 -18.91 13.13 -10.20
CA THR B 67 -19.27 13.08 -11.61
C THR B 67 -18.97 11.79 -12.39
N ARG B 68 -18.02 11.00 -11.88
CA ARG B 68 -17.65 9.75 -12.56
C ARG B 68 -18.27 8.50 -11.92
N LEU B 69 -19.08 8.66 -10.88
CA LEU B 69 -19.64 7.50 -10.20
C LEU B 69 -21.13 7.33 -10.22
N THR B 70 -21.54 6.08 -10.34
CA THR B 70 -22.96 5.79 -10.27
C THR B 70 -23.06 4.54 -9.41
N ILE B 71 -24.03 4.48 -8.50
CA ILE B 71 -24.15 3.26 -7.72
C ILE B 71 -25.61 2.88 -7.79
N THR B 72 -25.89 1.59 -7.91
CA THR B 72 -27.29 1.14 -7.98
C THR B 72 -27.36 -0.17 -7.31
N LYS B 73 -28.55 -0.57 -6.91
CA LYS B 73 -28.69 -1.87 -6.27
C LYS B 73 -29.67 -2.69 -7.06
N ASP B 74 -29.50 -4.02 -7.04
CA ASP B 74 -30.43 -4.94 -7.69
C ASP B 74 -30.80 -5.86 -6.53
N THR B 75 -31.86 -5.46 -5.82
CA THR B 75 -32.39 -6.15 -4.65
C THR B 75 -32.69 -7.60 -4.87
N SER B 76 -33.27 -7.92 -6.05
CA SER B 76 -33.62 -9.28 -6.44
C SER B 76 -32.44 -10.18 -6.69
N LYS B 77 -31.30 -9.64 -7.12
CA LYS B 77 -30.13 -10.49 -7.32
C LYS B 77 -29.14 -10.37 -6.14
N ASN B 78 -29.52 -9.55 -5.15
CA ASN B 78 -28.65 -9.28 -4.02
C ASN B 78 -27.31 -8.75 -4.54
N GLN B 79 -27.37 -7.67 -5.31
CA GLN B 79 -26.15 -7.08 -5.82
C GLN B 79 -26.23 -5.55 -5.76
N VAL B 80 -25.05 -4.92 -5.71
CA VAL B 80 -24.91 -3.47 -5.73
C VAL B 80 -23.79 -3.27 -6.73
N VAL B 81 -24.01 -2.36 -7.67
CA VAL B 81 -23.04 -2.13 -8.72
C VAL B 81 -22.54 -0.71 -8.59
N LEU B 82 -21.27 -0.52 -8.90
CA LEU B 82 -20.62 0.78 -8.89
C LEU B 82 -19.97 0.89 -10.24
N VAL B 83 -20.32 1.98 -10.94
CA VAL B 83 -19.81 2.27 -12.26
C VAL B 83 -18.94 3.52 -12.13
N MET B 84 -17.67 3.41 -12.54
CA MET B 84 -16.78 4.57 -12.51
C MET B 84 -16.39 4.85 -13.95
N THR B 85 -16.66 6.05 -14.45
CA THR B 85 -16.33 6.41 -15.83
C THR B 85 -14.99 7.08 -15.99
N ARG B 86 -14.51 7.18 -17.23
CA ARG B 86 -13.23 7.84 -17.51
C ARG B 86 -12.13 7.52 -16.47
N VAL B 87 -11.75 6.26 -16.36
CA VAL B 87 -10.73 5.94 -15.38
C VAL B 87 -9.38 6.38 -15.85
N SER B 88 -8.44 6.52 -14.91
CA SER B 88 -7.08 6.90 -15.22
C SER B 88 -6.15 6.13 -14.26
N PRO B 89 -4.84 6.13 -14.50
CA PRO B 89 -3.89 5.42 -13.64
C PRO B 89 -4.09 5.57 -12.14
N VAL B 90 -4.48 6.78 -11.70
CA VAL B 90 -4.70 7.06 -10.29
C VAL B 90 -5.85 6.27 -9.68
N ASP B 91 -6.66 5.61 -10.51
CA ASP B 91 -7.76 4.82 -10.00
C ASP B 91 -7.31 3.39 -9.75
N THR B 92 -6.03 3.08 -9.97
CA THR B 92 -5.60 1.72 -9.72
C THR B 92 -5.67 1.52 -8.20
N ALA B 93 -6.36 0.47 -7.78
CA ALA B 93 -6.53 0.24 -6.37
C ALA B 93 -7.27 -1.05 -6.14
N THR B 94 -7.44 -1.38 -4.86
CA THR B 94 -8.23 -2.53 -4.47
C THR B 94 -9.56 -1.88 -4.07
N TYR B 95 -10.64 -2.43 -4.59
CA TYR B 95 -11.96 -1.91 -4.31
C TYR B 95 -12.67 -2.91 -3.41
N PHE B 96 -13.24 -2.38 -2.32
CA PHE B 96 -13.98 -3.19 -1.36
C PHE B 96 -15.43 -2.67 -1.26
N CYS B 97 -16.37 -3.60 -1.07
CA CYS B 97 -17.74 -3.21 -0.79
C CYS B 97 -17.92 -3.67 0.67
N ALA B 98 -18.81 -3.02 1.37
CA ALA B 98 -19.02 -3.31 2.77
C ALA B 98 -20.48 -3.04 3.12
N HIS B 99 -20.92 -3.74 4.16
CA HIS B 99 -22.27 -3.65 4.68
C HIS B 99 -22.36 -2.63 5.81
N ARG B 100 -23.46 -1.90 5.83
CA ARG B 100 -23.71 -0.92 6.87
C ARG B 100 -25.01 -1.36 7.54
N ARG B 101 -24.95 -1.54 8.84
CA ARG B 101 -26.09 -1.95 9.59
C ARG B 101 -27.12 -0.82 9.68
N GLY B 102 -28.39 -1.23 9.79
CA GLY B 102 -29.48 -0.28 9.95
C GLY B 102 -29.74 -0.18 11.46
N PRO B 103 -30.63 0.71 11.93
CA PRO B 103 -30.91 0.82 13.36
C PRO B 103 -31.53 -0.44 13.98
N THR B 104 -31.21 -0.67 15.24
CA THR B 104 -31.78 -1.81 15.93
C THR B 104 -33.25 -1.48 16.10
N THR B 105 -34.12 -2.48 15.95
CA THR B 105 -35.55 -2.27 16.12
C THR B 105 -36.16 -3.22 17.17
N LEU B 106 -37.33 -2.84 17.69
CA LEU B 106 -38.03 -3.66 18.66
C LEU B 106 -39.49 -3.65 18.23
N PHE B 107 -40.01 -4.79 17.78
CA PHE B 107 -41.40 -4.87 17.29
C PHE B 107 -41.64 -3.76 16.25
N GLY B 108 -40.70 -3.61 15.31
CA GLY B 108 -40.84 -2.61 14.26
C GLY B 108 -40.49 -1.19 14.64
N VAL B 109 -39.99 -0.97 15.85
CA VAL B 109 -39.63 0.38 16.27
C VAL B 109 -38.10 0.55 16.44
N PRO B 110 -37.51 1.45 15.64
CA PRO B 110 -36.06 1.65 15.77
C PRO B 110 -35.84 2.20 17.18
N ILE B 111 -34.93 1.59 17.94
CA ILE B 111 -34.66 2.04 19.30
C ILE B 111 -33.21 2.34 19.58
N ALA B 112 -32.34 2.00 18.63
CA ALA B 112 -30.92 2.26 18.77
C ALA B 112 -30.22 2.53 17.44
N ARG B 113 -29.63 3.71 17.28
CA ARG B 113 -28.94 4.02 16.04
C ARG B 113 -27.43 3.76 16.19
N GLY B 114 -27.01 3.35 17.38
CA GLY B 114 -25.60 3.10 17.61
C GLY B 114 -24.93 2.17 16.61
N PRO B 115 -25.55 1.03 16.28
CA PRO B 115 -24.91 0.14 15.32
C PRO B 115 -24.76 0.61 13.91
N VAL B 116 -25.29 1.77 13.59
CA VAL B 116 -25.11 2.21 12.22
C VAL B 116 -23.78 2.91 12.05
N ASN B 117 -23.09 3.16 13.16
CA ASN B 117 -21.83 3.88 13.09
C ASN B 117 -20.60 3.04 12.82
N ALA B 118 -20.61 2.44 11.63
CA ALA B 118 -19.53 1.58 11.14
C ALA B 118 -19.95 0.83 9.90
N MET B 119 -18.95 0.25 9.23
CA MET B 119 -19.18 -0.63 8.09
C MET B 119 -18.68 -1.92 8.77
N ASP B 120 -19.62 -2.76 9.21
CA ASP B 120 -19.30 -3.96 9.99
C ASP B 120 -18.77 -5.23 9.31
N VAL B 121 -19.13 -5.45 8.04
CA VAL B 121 -18.64 -6.61 7.29
C VAL B 121 -18.14 -6.14 5.93
N TRP B 122 -16.97 -6.62 5.55
CA TRP B 122 -16.35 -6.22 4.28
C TRP B 122 -16.09 -7.37 3.32
N GLY B 123 -16.04 -7.08 2.02
CA GLY B 123 -15.71 -8.11 1.04
C GLY B 123 -14.19 -8.23 1.07
N GLN B 124 -13.66 -9.24 0.39
CA GLN B 124 -12.21 -9.48 0.34
C GLN B 124 -11.50 -8.40 -0.47
N GLY B 125 -12.22 -7.71 -1.35
CA GLY B 125 -11.59 -6.68 -2.16
C GLY B 125 -11.18 -7.22 -3.53
N ILE B 126 -11.30 -6.40 -4.56
CA ILE B 126 -10.94 -6.82 -5.91
C ILE B 126 -9.88 -5.82 -6.39
N THR B 127 -8.78 -6.34 -6.90
CA THR B 127 -7.69 -5.50 -7.38
C THR B 127 -7.92 -5.07 -8.81
N VAL B 128 -7.94 -3.76 -9.02
CA VAL B 128 -8.10 -3.23 -10.36
C VAL B 128 -6.91 -2.33 -10.76
N THR B 129 -6.26 -2.70 -11.86
CA THR B 129 -5.13 -1.95 -12.40
C THR B 129 -5.55 -1.21 -13.67
N ILE B 130 -5.23 0.08 -13.74
CA ILE B 130 -5.58 0.90 -14.88
C ILE B 130 -4.33 1.31 -15.65
N SER B 131 -4.17 0.71 -16.82
CA SER B 131 -3.04 0.96 -17.70
C SER B 131 -3.45 0.69 -19.17
N SER B 132 -2.82 1.38 -20.12
CA SER B 132 -3.15 1.15 -21.52
C SER B 132 -2.26 0.05 -22.07
N THR B 133 -1.23 -0.30 -21.30
CA THR B 133 -0.25 -1.30 -21.69
C THR B 133 -0.80 -2.66 -22.07
N SER B 134 -0.07 -3.38 -22.94
CA SER B 134 -0.42 -4.74 -23.35
C SER B 134 0.58 -5.68 -22.67
N THR B 135 0.30 -6.97 -22.65
CA THR B 135 1.22 -7.93 -22.02
C THR B 135 2.64 -7.75 -22.56
N LYS B 136 3.62 -7.65 -21.67
CA LYS B 136 5.00 -7.46 -22.12
C LYS B 136 6.01 -7.97 -21.10
N GLY B 137 6.93 -8.81 -21.58
CA GLY B 137 7.96 -9.38 -20.73
C GLY B 137 8.97 -8.32 -20.32
N PRO B 138 9.62 -8.49 -19.17
CA PRO B 138 10.62 -7.55 -18.64
C PRO B 138 11.99 -7.64 -19.33
N SER B 139 12.80 -6.62 -19.10
CA SER B 139 14.17 -6.54 -19.59
C SER B 139 14.91 -6.66 -18.25
N VAL B 140 15.90 -7.55 -18.16
CA VAL B 140 16.61 -7.70 -16.90
C VAL B 140 18.01 -7.09 -17.02
N PHE B 141 18.37 -6.22 -16.09
CA PHE B 141 19.68 -5.60 -16.14
C PHE B 141 20.37 -5.83 -14.82
N PRO B 142 21.70 -5.96 -14.83
CA PRO B 142 22.46 -6.20 -13.59
C PRO B 142 22.58 -5.00 -12.66
N LEU B 143 22.71 -5.28 -11.37
CA LEU B 143 22.95 -4.25 -10.35
C LEU B 143 24.25 -4.66 -9.64
N ALA B 144 25.31 -3.85 -9.78
CA ALA B 144 26.63 -4.04 -9.13
C ALA B 144 27.23 -2.60 -9.20
N PRO B 145 28.07 -2.16 -8.22
CA PRO B 145 28.80 -2.44 -6.98
C PRO B 145 29.45 -3.71 -6.44
N SER B 146 30.32 -3.43 -5.46
CA SER B 146 31.15 -4.36 -4.68
C SER B 146 32.61 -4.35 -5.14
N GLY B 153 32.64 -7.68 5.94
CA GLY B 153 32.49 -6.86 4.75
C GLY B 153 31.22 -7.27 4.03
N THR B 154 30.26 -6.35 3.93
CA THR B 154 28.98 -6.64 3.27
C THR B 154 28.83 -5.98 1.89
N ALA B 155 28.67 -6.81 0.86
CA ALA B 155 28.52 -6.34 -0.52
C ALA B 155 27.08 -6.54 -1.05
N ALA B 156 26.64 -5.71 -2.00
CA ALA B 156 25.29 -5.85 -2.52
C ALA B 156 25.26 -5.96 -4.02
N LEU B 157 24.34 -6.78 -4.52
CA LEU B 157 24.21 -6.95 -5.96
C LEU B 157 22.73 -7.27 -6.22
N GLY B 158 22.30 -7.15 -7.47
CA GLY B 158 20.92 -7.43 -7.75
C GLY B 158 20.58 -7.39 -9.21
N CYS B 159 19.28 -7.43 -9.47
CA CYS B 159 18.77 -7.41 -10.83
C CYS B 159 17.63 -6.44 -10.92
N LEU B 160 17.60 -5.67 -11.99
CA LEU B 160 16.53 -4.71 -12.20
C LEU B 160 15.59 -5.31 -13.22
N VAL B 161 14.36 -5.62 -12.80
CA VAL B 161 13.38 -6.24 -13.68
C VAL B 161 12.51 -5.08 -14.20
N LYS B 162 12.86 -4.56 -15.36
CA LYS B 162 12.18 -3.40 -15.89
C LYS B 162 11.23 -3.52 -17.08
N ASP B 163 10.18 -2.69 -17.05
CA ASP B 163 9.21 -2.60 -18.13
C ASP B 163 8.39 -3.80 -18.52
N TYR B 164 7.62 -4.33 -17.59
CA TYR B 164 6.78 -5.47 -17.92
C TYR B 164 5.36 -5.19 -17.52
N PHE B 165 4.47 -6.05 -17.95
CA PHE B 165 3.06 -5.92 -17.65
C PHE B 165 2.34 -7.20 -18.07
N PRO B 166 1.38 -7.67 -17.25
CA PRO B 166 1.00 -7.07 -15.96
C PRO B 166 1.77 -7.80 -14.88
N GLU B 167 1.42 -7.54 -13.63
CA GLU B 167 1.99 -8.29 -12.50
C GLU B 167 1.40 -9.71 -12.67
N PRO B 168 2.01 -10.74 -12.05
CA PRO B 168 3.21 -10.61 -11.23
C PRO B 168 4.42 -11.21 -11.96
N VAL B 169 5.57 -11.10 -11.31
CA VAL B 169 6.79 -11.67 -11.82
C VAL B 169 7.44 -12.35 -10.61
N THR B 170 8.11 -13.48 -10.83
CA THR B 170 8.77 -14.17 -9.74
C THR B 170 10.27 -13.98 -9.88
N VAL B 171 10.95 -13.85 -8.75
CA VAL B 171 12.39 -13.70 -8.76
C VAL B 171 13.00 -14.57 -7.67
N SER B 172 14.01 -15.35 -8.04
CA SER B 172 14.70 -16.16 -7.07
C SER B 172 16.18 -16.00 -7.43
N TRP B 173 17.04 -16.49 -6.54
CA TRP B 173 18.47 -16.43 -6.75
C TRP B 173 19.10 -17.86 -6.76
N ASN B 174 20.01 -18.09 -7.72
CA ASN B 174 20.70 -19.36 -7.83
C ASN B 174 19.72 -20.51 -7.82
N SER B 175 18.77 -20.43 -8.73
CA SER B 175 17.73 -21.42 -8.91
C SER B 175 17.01 -21.82 -7.63
N GLY B 176 17.00 -20.90 -6.66
CA GLY B 176 16.33 -21.15 -5.40
C GLY B 176 17.24 -21.51 -4.24
N ALA B 177 18.53 -21.63 -4.50
CA ALA B 177 19.45 -22.01 -3.43
C ALA B 177 19.80 -20.85 -2.49
N LEU B 178 19.78 -19.64 -3.02
CA LEU B 178 20.12 -18.45 -2.23
C LEU B 178 18.84 -17.75 -1.77
N THR B 179 18.68 -17.65 -0.46
CA THR B 179 17.53 -17.01 0.17
C THR B 179 17.96 -15.98 1.23
N SER B 180 19.05 -16.24 1.94
CA SER B 180 19.51 -15.32 2.99
C SER B 180 20.04 -14.02 2.44
N GLY B 181 19.52 -12.90 2.94
CA GLY B 181 19.98 -11.60 2.49
C GLY B 181 19.33 -11.13 1.19
N VAL B 182 18.29 -11.82 0.78
CA VAL B 182 17.57 -11.48 -0.43
C VAL B 182 16.42 -10.53 -0.09
N HIS B 183 16.23 -9.52 -0.92
CA HIS B 183 15.12 -8.58 -0.76
C HIS B 183 14.57 -8.27 -2.15
N THR B 184 13.37 -8.75 -2.42
CA THR B 184 12.67 -8.51 -3.68
C THR B 184 11.63 -7.47 -3.31
N PHE B 185 11.80 -6.27 -3.84
CA PHE B 185 10.91 -5.17 -3.52
C PHE B 185 9.64 -5.23 -4.30
N PRO B 186 8.56 -4.63 -3.76
CA PRO B 186 7.28 -4.62 -4.49
C PRO B 186 7.50 -3.78 -5.75
N ALA B 187 6.82 -4.10 -6.83
CA ALA B 187 7.01 -3.35 -8.07
C ALA B 187 6.30 -2.01 -7.94
N VAL B 188 6.72 -1.05 -8.76
CA VAL B 188 6.05 0.24 -8.82
C VAL B 188 5.56 0.33 -10.27
N LEU B 189 4.40 0.95 -10.46
CA LEU B 189 3.78 1.15 -11.77
C LEU B 189 4.34 2.47 -12.23
N GLN B 190 5.08 2.44 -13.34
CA GLN B 190 5.68 3.62 -13.93
C GLN B 190 4.62 4.42 -14.71
N SER B 191 4.95 5.66 -15.02
CA SER B 191 4.03 6.51 -15.76
C SER B 191 3.78 5.92 -17.13
N SER B 192 4.72 5.12 -17.60
CA SER B 192 4.57 4.51 -18.92
C SER B 192 3.46 3.48 -18.89
N GLY B 193 3.08 3.00 -17.71
CA GLY B 193 2.03 1.97 -17.61
C GLY B 193 2.63 0.56 -17.46
N LEU B 194 3.95 0.50 -17.30
CA LEU B 194 4.64 -0.76 -17.15
C LEU B 194 5.18 -0.77 -15.74
N TYR B 195 5.40 -1.97 -15.21
CA TYR B 195 5.92 -2.12 -13.86
C TYR B 195 7.43 -2.24 -13.89
N SER B 196 8.02 -2.05 -12.72
CA SER B 196 9.44 -2.17 -12.61
C SER B 196 9.77 -2.55 -11.17
N LEU B 197 10.72 -3.47 -11.00
CA LEU B 197 11.10 -3.88 -9.65
C LEU B 197 12.55 -4.32 -9.57
N SER B 198 13.13 -4.22 -8.39
CA SER B 198 14.50 -4.64 -8.18
C SER B 198 14.48 -5.77 -7.16
N SER B 199 15.49 -6.64 -7.25
CA SER B 199 15.65 -7.71 -6.30
C SER B 199 17.13 -7.66 -6.02
N VAL B 200 17.49 -7.52 -4.75
CA VAL B 200 18.89 -7.44 -4.41
C VAL B 200 19.25 -8.51 -3.39
N VAL B 201 20.54 -8.66 -3.16
CA VAL B 201 21.01 -9.61 -2.16
C VAL B 201 22.31 -9.08 -1.54
N THR B 202 22.42 -9.26 -0.22
CA THR B 202 23.60 -8.83 0.54
C THR B 202 24.40 -10.09 0.88
N VAL B 203 25.71 -10.05 0.56
CA VAL B 203 26.60 -11.18 0.83
C VAL B 203 27.95 -10.76 1.38
N PRO B 204 28.63 -11.68 2.07
CA PRO B 204 29.94 -11.34 2.61
C PRO B 204 30.86 -10.96 1.44
N SER B 205 31.46 -9.78 1.55
CA SER B 205 32.36 -9.25 0.53
C SER B 205 33.48 -10.20 0.10
N SER B 206 33.52 -11.38 0.71
CA SER B 206 34.54 -12.37 0.40
C SER B 206 34.08 -13.35 -0.69
N SER B 207 32.94 -13.98 -0.46
CA SER B 207 32.40 -14.96 -1.39
C SER B 207 32.19 -14.51 -2.85
N LEU B 208 32.21 -13.21 -3.11
CA LEU B 208 32.03 -12.74 -4.49
C LEU B 208 33.05 -13.36 -5.43
N GLY B 209 34.30 -13.44 -4.98
CA GLY B 209 35.35 -14.03 -5.82
C GLY B 209 35.12 -15.52 -5.99
N THR B 210 34.37 -16.14 -5.08
CA THR B 210 34.14 -17.58 -5.19
C THR B 210 32.76 -18.05 -5.67
N GLN B 211 31.71 -17.64 -4.96
CA GLN B 211 30.34 -18.01 -5.29
C GLN B 211 29.78 -17.14 -6.40
N THR B 212 28.97 -17.74 -7.27
CA THR B 212 28.34 -16.99 -8.37
C THR B 212 26.89 -16.62 -7.99
N TYR B 213 26.41 -15.49 -8.51
CA TYR B 213 25.06 -14.99 -8.23
C TYR B 213 24.23 -14.79 -9.49
N THR B 214 23.17 -15.56 -9.60
CA THR B 214 22.31 -15.50 -10.78
C THR B 214 20.88 -15.26 -10.35
N CYS B 215 20.23 -14.24 -10.92
CA CYS B 215 18.84 -14.01 -10.56
C CYS B 215 17.97 -14.73 -11.60
N ASN B 216 16.95 -15.47 -11.15
CA ASN B 216 16.06 -16.21 -12.06
C ASN B 216 14.73 -15.46 -12.08
N VAL B 217 14.43 -14.86 -13.23
CA VAL B 217 13.24 -14.05 -13.42
C VAL B 217 12.26 -14.77 -14.30
N ASN B 218 11.00 -14.77 -13.89
CA ASN B 218 9.93 -15.47 -14.58
C ASN B 218 8.67 -14.63 -14.59
N HIS B 219 8.20 -14.28 -15.78
CA HIS B 219 7.00 -13.48 -15.96
C HIS B 219 6.02 -14.30 -16.79
N LYS B 220 5.27 -15.18 -16.13
CA LYS B 220 4.36 -16.07 -16.82
C LYS B 220 3.42 -15.45 -17.85
N PRO B 221 2.81 -14.32 -17.52
CA PRO B 221 1.89 -13.66 -18.45
C PRO B 221 2.40 -13.57 -19.88
N SER B 222 3.69 -13.32 -20.06
CA SER B 222 4.26 -13.21 -21.41
C SER B 222 5.23 -14.35 -21.78
N ASN B 223 5.31 -15.39 -20.94
CA ASN B 223 6.20 -16.51 -21.21
C ASN B 223 7.65 -16.04 -21.27
N THR B 224 8.04 -15.19 -20.33
CA THR B 224 9.42 -14.72 -20.30
C THR B 224 10.18 -15.22 -19.07
N LYS B 225 11.22 -16.00 -19.34
CA LYS B 225 12.09 -16.52 -18.30
C LYS B 225 13.50 -16.07 -18.65
N VAL B 226 14.21 -15.52 -17.67
CA VAL B 226 15.55 -15.06 -17.87
C VAL B 226 16.41 -15.45 -16.67
N ASP B 227 17.65 -15.85 -16.93
CA ASP B 227 18.58 -16.13 -15.84
C ASP B 227 19.71 -15.14 -16.11
N LYS B 228 19.97 -14.23 -15.18
CA LYS B 228 21.03 -13.27 -15.37
C LYS B 228 22.06 -13.38 -14.28
N ARG B 229 23.27 -13.78 -14.68
CA ARG B 229 24.36 -13.91 -13.75
C ARG B 229 24.94 -12.51 -13.53
N VAL B 230 25.09 -12.13 -12.28
CA VAL B 230 25.59 -10.81 -11.94
C VAL B 230 26.97 -10.97 -11.28
N GLU B 231 27.95 -10.18 -11.71
CA GLU B 231 29.25 -10.31 -11.07
C GLU B 231 29.89 -8.95 -10.95
N PRO B 232 30.81 -8.79 -9.99
CA PRO B 232 31.46 -7.47 -9.88
C PRO B 232 32.05 -7.17 -11.25
N LYS B 233 31.69 -6.00 -11.78
CA LYS B 233 32.17 -5.57 -13.09
C LYS B 233 33.68 -5.73 -13.27
N SER B 234 34.18 -5.23 -14.39
CA SER B 234 35.59 -5.29 -14.73
C SER B 234 36.12 -6.70 -14.88
N CYS B 235 35.37 -7.53 -15.60
CA CYS B 235 35.74 -8.93 -15.84
C CYS B 235 35.71 -9.75 -14.54
N GLU C 1 -23.06 17.22 3.76
CA GLU C 1 -24.30 17.25 4.59
C GLU C 1 -24.22 16.25 5.76
N LEU C 2 -25.33 16.09 6.49
CA LEU C 2 -25.40 15.17 7.63
C LEU C 2 -25.64 13.75 7.20
N ASP C 3 -25.09 12.79 7.95
CA ASP C 3 -25.30 11.38 7.64
C ASP C 3 -26.78 11.02 7.77
N TRP C 5 -28.32 8.96 9.53
CA TRP C 5 -28.81 8.80 10.91
C TRP C 5 -28.48 9.90 11.93
N ALA C 6 -27.90 11.00 11.44
CA ALA C 6 -27.54 12.15 12.26
C ALA C 6 -28.74 12.92 12.85
N SER C 7 -28.50 13.52 14.02
CA SER C 7 -29.43 14.33 14.82
C SER C 7 -29.86 13.66 16.14
#